data_8RW2
#
_entry.id   8RW2
#
_entity_poly.entity_id   1
_entity_poly.type   'polydeoxyribonucleotide'
_entity_poly.pdbx_seq_one_letter_code
;(DG)(DG)(DG)(DC)(DG)(DC)(DG)(DA)(DA)(DG)(DC)(DA)(DT)(DT)(DC)(DG)(DC)(DG)(DG)(DG)
(DG)(DT)(DT)(DA)(DG)(DG)(DG)(DT)(DT)(A1H3G)(DG)(DG)(DG)
;
_entity_poly.pdbx_strand_id   A
#
loop_
_chem_comp.id
_chem_comp.type
_chem_comp.name
_chem_comp.formula
A1H3G DNA linking '2'-DEOXYADENOSINE-5'-MONOPHOSPHATE (protonated at N1)' 'C10 H15 N5 O6 P 1'
DA DNA linking 2'-DEOXYADENOSINE-5'-MONOPHOSPHATE 'C10 H14 N5 O6 P'
DC DNA linking 2'-DEOXYCYTIDINE-5'-MONOPHOSPHATE 'C9 H14 N3 O7 P'
DG DNA linking 2'-DEOXYGUANOSINE-5'-MONOPHOSPHATE 'C10 H14 N5 O7 P'
DT DNA linking THYMIDINE-5'-MONOPHOSPHATE 'C10 H15 N2 O8 P'
#
# COMPACT_ATOMS: atom_id res chain seq x y z
N1 A1H3G A 30 1.29 3.30 -2.33
N3 A1H3G A 30 1.72 1.69 -0.56
C6 A1H3G A 30 0.26 2.57 -2.88
C5 A1H3G A 30 -0.03 1.32 -2.27
C4 A1H3G A 30 0.71 0.97 -1.16
C8 A1H3G A 30 -0.76 -0.59 -1.61
P A1H3G A 30 -3.30 -2.98 2.48
OP1 A1H3G A 30 -3.56 -4.45 2.59
O5' A1H3G A 30 -1.77 -2.69 2.81
O3' A1H3G A 30 2.33 -1.63 2.89
C2 A1H3G A 30 1.95 2.83 -1.21
N7 A1H3G A 30 -0.96 0.31 -2.55
N9 A1H3G A 30 0.25 -0.25 -0.73
N6 A1H3G A 30 -0.38 3.10 -3.92
C1' A1H3G A 30 0.79 -1.05 0.37
O4' A1H3G A 30 0.14 -2.30 0.51
C4' A1H3G A 30 0.46 -2.80 1.80
C3' A1H3G A 30 0.93 -1.61 2.66
C2' A1H3G A 30 0.60 -0.42 1.75
C5' A1H3G A 30 -0.73 -3.56 2.39
OP2 A1H3G A 30 -4.14 -2.05 3.27
H1 A1H3G A 30 1.57 4.19 -2.75
H8 A1H3G A 30 -1.32 -1.51 -1.54
H2 A1H3G A 30 2.75 3.46 -0.83
H62 A1H3G A 30 -1.15 2.61 -4.35
H61 A1H3G A 30 -0.11 4.02 -4.29
H1' A1H3G A 30 1.86 -1.22 0.23
H4' A1H3G A 30 1.28 -3.49 1.69
H3' A1H3G A 30 0.38 -1.53 3.59
H2' A1H3G A 30 -0.44 -0.13 1.89
H2'' A1H3G A 30 1.27 0.42 1.92
H5'' A1H3G A 30 -0.38 -4.14 3.26
H5' A1H3G A 30 -1.09 -4.27 1.63
N1 A1H3G A 30 1.14 3.15 -2.39
N3 A1H3G A 30 1.61 1.46 -0.71
C6 A1H3G A 30 0.22 2.36 -3.07
C5 A1H3G A 30 0.05 1.05 -2.57
C4 A1H3G A 30 0.74 0.69 -1.43
C8 A1H3G A 30 -0.50 -0.97 -2.15
P A1H3G A 30 -3.67 -3.88 1.62
OP1 A1H3G A 30 -3.62 -4.17 3.08
O5' A1H3G A 30 -2.22 -3.32 1.20
O3' A1H3G A 30 1.73 -2.10 2.76
C2 A1H3G A 30 1.77 2.66 -1.26
N7 A1H3G A 30 -0.73 -0.04 -3.03
N9 A1H3G A 30 0.35 -0.61 -1.14
N6 A1H3G A 30 -0.43 2.92 -4.10
C1' A1H3G A 30 0.78 -1.41 0.02
O4' A1H3G A 30 0.32 -2.74 -0.11
C4' A1H3G A 30 0.24 -3.30 1.21
C3' A1H3G A 30 0.40 -2.16 2.22
C2' A1H3G A 30 0.18 -0.93 1.34
C5' A1H3G A 30 -1.05 -4.11 1.40
OP2 A1H3G A 30 -4.69 -2.93 1.12
H1 A1H3G A 30 1.35 4.10 -2.72
H8 A1H3G A 30 -0.95 -1.96 -2.20
H2 A1H3G A 30 2.47 3.33 -0.77
H62 A1H3G A 30 -0.28 3.89 -4.36
H61 A1H3G A 30 -1.16 2.38 -4.57
H1' A1H3G A 30 1.87 -1.41 0.12
H4' A1H3G A 30 1.08 -3.99 1.32
H3' A1H3G A 30 -0.34 -2.20 3.01
H2' A1H3G A 30 -0.89 -0.75 1.22
H2'' A1H3G A 30 0.69 -0.05 1.73
H5'' A1H3G A 30 -1.04 -4.51 2.40
H5' A1H3G A 30 -1.04 -4.94 0.69
N1 A1H3G A 30 1.71 3.43 -1.98
N3 A1H3G A 30 2.14 1.67 -0.35
C6 A1H3G A 30 0.70 2.72 -2.61
C5 A1H3G A 30 0.48 1.40 -2.14
C4 A1H3G A 30 1.19 0.97 -1.04
C8 A1H3G A 30 -0.17 -0.59 -1.74
P A1H3G A 30 -3.63 -2.92 1.82
OP1 A1H3G A 30 -3.73 -3.11 3.29
O5' A1H3G A 30 -2.10 -2.58 1.47
O3' A1H3G A 30 2.02 -1.97 3.12
C2 A1H3G A 30 2.36 2.87 -0.88
N7 A1H3G A 30 -0.37 0.38 -2.58
N9 A1H3G A 30 0.74 -0.29 -0.76
N6 A1H3G A 30 0.02 3.35 -3.58
C1' A1H3G A 30 1.13 -1.15 0.39
O4' A1H3G A 30 0.54 -2.44 0.29
C4' A1H3G A 30 0.34 -2.95 1.61
C3' A1H3G A 30 0.70 -1.84 2.60
C2' A1H3G A 30 0.63 -0.60 1.72
C5' A1H3G A 30 -1.07 -3.52 1.77
OP2 A1H3G A 30 -4.50 -1.89 1.19
H1 A1H3G A 30 1.96 4.36 -2.30
H8 A1H3G A 30 -0.68 -1.55 -1.79
H2 A1H3G A 30 3.13 3.48 -0.42
H62 A1H3G A 30 0.24 4.31 -3.84
H61 A1H3G A 30 -0.80 2.90 -3.98
H1' A1H3G A 30 2.22 -1.25 0.45
H4' A1H3G A 30 1.02 -3.77 1.76
H3' A1H3G A 30 -0.03 -1.78 3.42
H2' A1H3G A 30 -0.41 -0.26 1.63
H2'' A1H3G A 30 1.27 0.21 2.10
H5'' A1H3G A 30 -1.18 -3.86 2.80
H5' A1H3G A 30 -1.18 -4.38 1.11
N1 A1H3G A 30 1.49 4.24 -2.73
N3 A1H3G A 30 1.85 2.90 -0.73
C6 A1H3G A 30 0.43 3.47 -3.16
C5 A1H3G A 30 0.13 2.30 -2.39
C4 A1H3G A 30 0.85 2.11 -1.23
C8 A1H3G A 30 -0.62 0.51 -1.53
P A1H3G A 30 -3.97 -0.77 2.07
OP1 A1H3G A 30 -4.00 -0.57 3.55
O5' A1H3G A 30 -2.43 -0.78 1.62
O3' A1H3G A 30 1.65 -0.14 3.39
C2 A1H3G A 30 2.12 3.92 -1.53
N7 A1H3G A 30 -0.80 1.28 -2.57
N9 A1H3G A 30 0.36 0.95 -0.67
N6 A1H3G A 30 -0.23 3.87 -4.25
C1' A1H3G A 30 0.81 0.32 0.59
O4' A1H3G A 30 0.29 -1.01 0.66
C4' A1H3G A 30 -0.03 -1.30 2.02
C3' A1H3G A 30 0.32 -0.07 2.85
C2' A1H3G A 30 0.27 1.04 1.82
C5' A1H3G A 30 -1.51 -1.73 2.15
OP2 A1H3G A 30 -4.70 0.18 1.21
H1 A1H3G A 30 1.80 5.04 -3.28
H8 A1H3G A 30 -1.18 -0.40 -1.34
H2 A1H3G A 30 2.93 4.57 -1.23
H62 A1H3G A 30 -1.06 3.36 -4.56
H61 A1H3G A 30 0.02 4.74 -4.72
H1' A1H3G A 30 1.89 0.29 0.65
H4' A1H3G A 30 0.57 -2.15 2.35
H3' A1H3G A 30 -0.40 0.10 3.65
H2' A1H3G A 30 -0.76 1.36 1.67
H2'' A1H3G A 30 0.89 1.89 2.09
H5'' A1H3G A 30 -1.71 -1.90 3.21
H5' A1H3G A 30 -1.64 -2.68 1.62
N1 A1H3G A 30 1.40 3.35 -2.09
N3 A1H3G A 30 1.79 1.62 -0.41
C6 A1H3G A 30 0.40 2.63 -2.72
C5 A1H3G A 30 0.10 1.35 -2.19
C4 A1H3G A 30 0.81 0.93 -1.08
C8 A1H3G A 30 -0.61 -0.60 -1.73
P A1H3G A 30 -2.77 -4.84 2.82
OP1 A1H3G A 30 -2.12 -6.05 3.37
O5' A1H3G A 30 -1.61 -3.78 2.42
O3' A1H3G A 30 2.11 -1.89 3.05
C2 A1H3G A 30 2.03 2.80 -0.98
N7 A1H3G A 30 -0.81 0.37 -2.58
N9 A1H3G A 30 0.33 -0.32 -0.76
N6 A1H3G A 30 -0.20 3.21 -3.76
C1' A1H3G A 30 0.81 -1.20 0.33
O4' A1H3G A 30 0.16 -2.45 0.33
C4' A1H3G A 30 0.59 -3.07 1.53
C3' A1H3G A 30 0.77 -1.94 2.56
C2' A1H3G A 30 0.52 -0.68 1.73
C5' A1H3G A 30 -0.34 -4.22 1.96
OP2 A1H3G A 30 -3.78 -4.15 3.65
H1 A1H3G A 30 1.67 4.25 -2.46
H8 A1H3G A 30 -1.15 -1.55 -1.76
H2 A1H3G A 30 2.82 3.40 -0.53
H62 A1H3G A 30 0.05 4.14 -4.10
H61 A1H3G A 30 -0.95 2.73 -4.27
H1' A1H3G A 30 1.89 -1.34 0.23
H4' A1H3G A 30 1.56 -3.49 1.35
H3' A1H3G A 30 0.05 -2.01 3.38
H2' A1H3G A 30 -0.52 -0.38 1.81
H2'' A1H3G A 30 1.20 0.13 2.01
H5'' A1H3G A 30 0.16 -4.77 2.76
H5' A1H3G A 30 -0.45 -4.90 1.12
N1 A1H3G A 30 1.48 4.03 -2.98
N3 A1H3G A 30 1.79 2.63 -1.02
C6 A1H3G A 30 0.48 3.23 -3.50
C5 A1H3G A 30 0.18 2.03 -2.79
C4 A1H3G A 30 0.84 1.83 -1.60
C8 A1H3G A 30 -0.57 0.20 -2.00
P A1H3G A 30 -3.92 -0.64 2.30
OP1 A1H3G A 30 -3.78 -0.56 3.77
O5' A1H3G A 30 -2.45 -0.79 1.66
O3' A1H3G A 30 1.72 -0.19 2.97
C2 A1H3G A 30 2.06 3.69 -1.76
N7 A1H3G A 30 -0.71 0.98 -3.04
N9 A1H3G A 30 0.34 0.65 -1.08
N6 A1H3G A 30 -0.12 3.67 -4.61
C1' A1H3G A 30 0.72 0.03 0.21
O4' A1H3G A 30 0.09 -1.22 0.39
C4' A1H3G A 30 -0.08 -1.44 1.79
C3' A1H3G A 30 0.36 -0.16 2.52
C2' A1H3G A 30 0.28 0.88 1.40
C5' A1H3G A 30 -1.54 -1.79 2.09
OP2 A1H3G A 30 -4.62 0.46 1.59
H1 A1H3G A 30 1.78 4.86 -3.48
H8 A1H3G A 30 -1.12 -0.72 -1.87
H2 A1H3G A 30 2.83 4.36 -1.40
H62 A1H3G A 30 0.10 4.57 -5.01
H61 A1H3G A 30 -0.93 3.17 -4.97
H1' A1H3G A 30 1.80 -0.09 0.27
H4' A1H3G A 30 0.54 -2.27 2.10
H3' A1H3G A 30 -0.31 0.11 3.33
H2' A1H3G A 30 -0.75 1.22 1.27
H2'' A1H3G A 30 0.95 1.72 1.58
H5'' A1H3G A 30 -1.63 -1.94 3.18
H5' A1H3G A 30 -1.79 -2.74 1.62
N1 A1H3G A 30 1.30 3.98 -2.75
N3 A1H3G A 30 1.64 2.55 -0.81
C6 A1H3G A 30 0.32 3.17 -3.28
C5 A1H3G A 30 0.04 1.96 -2.59
C4 A1H3G A 30 0.72 1.74 -1.40
C8 A1H3G A 30 -0.64 0.08 -1.85
P A1H3G A 30 -4.10 -1.53 1.86
OP1 A1H3G A 30 -4.19 -1.46 3.34
O5' A1H3G A 30 -2.55 -1.37 1.45
O3' A1H3G A 30 1.53 -0.55 3.12
C2 A1H3G A 30 1.89 3.63 -1.55
N7 A1H3G A 30 -0.81 0.89 -2.86
N9 A1H3G A 30 0.25 0.54 -0.92
N6 A1H3G A 30 -0.31 3.60 -4.38
C1' A1H3G A 30 0.65 -0.12 0.34
O4' A1H3G A 30 0.13 -1.44 0.40
C4' A1H3G A 30 -0.12 -1.77 1.76
C3' A1H3G A 30 0.20 -0.53 2.61
C2' A1H3G A 30 0.08 0.59 1.57
C5' A1H3G A 30 -1.57 -2.27 1.93
OP2 A1H3G A 30 -4.90 -0.57 1.05
H1 A1H3G A 30 1.59 4.82 -3.24
H8 A1H3G A 30 -1.16 -0.87 -1.75
H2 A1H3G A 30 2.65 4.30 -1.17
H62 A1H3G A 30 -1.09 3.06 -4.76
H61 A1H3G A 30 -0.10 4.51 -4.78
H1' A1H3G A 30 1.75 -0.15 0.43
H4' A1H3G A 30 0.52 -2.58 2.06
H3' A1H3G A 30 -0.54 -0.38 3.40
H2' A1H3G A 30 -0.96 0.85 1.41
H2'' A1H3G A 30 0.68 1.45 1.84
H5'' A1H3G A 30 -1.74 -2.47 2.98
H5' A1H3G A 30 -1.67 -3.23 1.39
N1 A1H3G A 30 1.73 4.04 -2.53
N3 A1H3G A 30 2.10 2.56 -0.62
C6 A1H3G A 30 0.67 3.29 -3.00
C5 A1H3G A 30 0.36 2.09 -2.30
C4 A1H3G A 30 1.09 1.83 -1.16
C8 A1H3G A 30 -0.40 0.26 -1.54
P A1H3G A 30 -3.72 -1.49 1.98
OP1 A1H3G A 30 -3.76 -1.44 3.46
O5' A1H3G A 30 -2.18 -1.37 1.53
O3' A1H3G A 30 1.90 -0.72 3.28
C2 A1H3G A 30 2.37 3.63 -1.37
N7 A1H3G A 30 -0.59 1.09 -2.53
N9 A1H3G A 30 0.58 0.64 -0.66
N6 A1H3G A 30 0.00 3.77 -4.05
C1' A1H3G A 30 1.02 -0.08 0.55
O4' A1H3G A 30 0.54 -1.42 0.51
C4' A1H3G A 30 0.24 -1.84 1.83
C3' A1H3G A 30 0.56 -0.66 2.77
C2' A1H3G A 30 0.44 0.52 1.83
C5' A1H3G A 30 -1.22 -2.33 1.94
OP2 A1H3G A 30 -4.50 -0.48 1.20
H1 A1H3G A 30 2.05 4.86 -3.03
H8 A1H3G A 30 -0.97 -0.65 -1.42
H2 A1H3G A 30 3.19 4.25 -1.04
H62 A1H3G A 30 -0.82 3.29 -4.40
H61 A1H3G A 30 0.25 4.66 -4.49
H1' A1H3G A 30 2.11 -0.09 0.63
H4' A1H3G A 30 0.86 -2.68 2.10
H3' A1H3G A 30 -0.16 -0.58 3.59
H2' A1H3G A 30 -0.60 0.81 1.70
H2'' A1H3G A 30 1.04 1.38 2.17
H5'' A1H3G A 30 -1.41 -2.61 2.98
H5' A1H3G A 30 -1.32 -3.23 1.33
N1 A1H3G A 30 1.80 3.12 -1.86
N3 A1H3G A 30 2.25 1.32 -0.30
C6 A1H3G A 30 0.79 2.43 -2.51
C5 A1H3G A 30 0.53 1.09 -2.06
C4 A1H3G A 30 1.27 0.64 -0.98
C8 A1H3G A 30 -0.13 -0.88 -1.66
P A1H3G A 30 -3.57 -3.20 1.85
OP1 A1H3G A 30 -3.57 -3.44 3.32
O5' A1H3G A 30 -2.05 -2.96 1.38
O3' A1H3G A 30 1.58 -2.49 3.61
C2 A1H3G A 30 2.46 2.53 -0.80
N7 A1H3G A 30 -0.34 0.10 -2.49
N9 A1H3G A 30 0.82 -0.63 -0.71
N6 A1H3G A 30 0.12 3.07 -3.48
C1' A1H3G A 30 1.25 -1.51 0.40
O4' A1H3G A 30 0.59 -2.77 0.26
C4' A1H3G A 30 0.37 -3.33 1.54
C3' A1H3G A 30 0.59 -2.23 2.60
C2' A1H3G A 30 0.83 -0.97 1.76
C5' A1H3G A 30 -1.04 -3.93 1.63
OP2 A1H3G A 30 -4.41 -2.11 1.31
H1 A1H3G A 30 2.05 4.06 -2.18
H8 A1H3G A 30 -0.67 -1.83 -1.71
H2 A1H3G A 30 3.24 3.12 -0.34
H62 A1H3G A 30 0.37 4.02 -3.76
H61 A1H3G A 30 -0.66 2.60 -3.95
H1' A1H3G A 30 2.33 -1.66 0.39
H4' A1H3G A 30 1.07 -4.14 1.70
H3' A1H3G A 30 -0.36 -2.07 3.13
H2' A1H3G A 30 -0.10 -0.42 1.68
H2'' A1H3G A 30 1.60 -0.34 2.20
H5'' A1H3G A 30 -1.17 -4.36 2.61
H5' A1H3G A 30 -1.13 -4.74 0.90
N1 A1H3G A 30 1.70 3.31 -2.07
N3 A1H3G A 30 2.18 1.58 -0.42
C6 A1H3G A 30 0.69 2.58 -2.66
C5 A1H3G A 30 0.46 1.27 -2.16
C4 A1H3G A 30 1.21 0.87 -1.08
C8 A1H3G A 30 -0.18 -0.71 -1.70
P A1H3G A 30 -3.30 -3.08 2.32
OP1 A1H3G A 30 -3.19 -3.37 3.78
O5' A1H3G A 30 -1.83 -2.74 1.77
O3' A1H3G A 30 2.36 -1.99 2.99
C2 A1H3G A 30 2.38 2.77 -0.98
N7 A1H3G A 30 -0.41 0.25 -2.55
N9 A1H3G A 30 0.77 -0.39 -0.75
N6 A1H3G A 30 -0.01 3.18 -3.63
C1' A1H3G A 30 1.23 -1.24 0.38
O4' A1H3G A 30 0.67 -2.53 0.30
C4' A1H3G A 30 0.61 -3.06 1.62
C3' A1H3G A 30 1.00 -1.93 2.59
C2' A1H3G A 30 0.78 -0.69 1.72
C5' A1H3G A 30 -0.77 -3.68 1.92
OP2 A1H3G A 30 -4.23 -2.00 1.88
H1 A1H3G A 30 1.94 4.23 -2.43
H8 A1H3G A 30 -0.70 -1.67 -1.71
H2 A1H3G A 30 3.15 3.38 -0.54
H62 A1H3G A 30 0.18 4.14 -3.93
H61 A1H3G A 30 -0.82 2.71 -4.03
H1' A1H3G A 30 2.32 -1.31 0.38
H4' A1H3G A 30 1.34 -3.86 1.70
H3' A1H3G A 30 0.33 -1.90 3.46
H2' A1H3G A 30 -0.27 -0.42 1.70
H2'' A1H3G A 30 1.40 0.14 2.06
H5'' A1H3G A 30 -0.75 -4.07 2.93
H5' A1H3G A 30 -0.93 -4.51 1.23
#